data_7ANU
#
_entry.id   7ANU
#
_cell.length_a   53.581
_cell.length_b   54.156
_cell.length_c   62.551
_cell.angle_alpha   90.000
_cell.angle_beta   95.058
_cell.angle_gamma   90.000
#
_symmetry.space_group_name_H-M   'I 1 2 1'
#
loop_
_entity.id
_entity.type
_entity.pdbx_description
1 polymer 'Pbp11 protein'
2 non-polymer 'NICKEL (II) ION'
3 non-polymer GLYCEROL
4 non-polymer IMIDAZOLE
5 non-polymer 'THIOCYANATE ION'
6 water water
#
_entity_poly.entity_id   1
_entity_poly.type   'polypeptide(L)'
_entity_poly.pdbx_seq_one_letter_code
;MVGKVKVENILIVGFKTVIICEVLEGMVKVGYKVRKGKKVAGIVSMEREHKKVEFAIPGDKIGIMLEKNIGAEKGDILEV
FIVLEHHHHHHH
;
_entity_poly.pdbx_strand_id   A,B
#
loop_
_chem_comp.id
_chem_comp.type
_chem_comp.name
_chem_comp.formula
GOL non-polymer GLYCEROL 'C3 H8 O3'
IMD non-polymer IMIDAZOLE 'C3 H5 N2 1'
NI non-polymer 'NICKEL (II) ION' 'Ni 2'
SCN non-polymer 'THIOCYANATE ION' 'C N S -1'
#
# COMPACT_ATOMS: atom_id res chain seq x y z
N VAL A 2 -23.73 -9.85 -7.24
CA VAL A 2 -23.01 -9.45 -6.04
C VAL A 2 -21.70 -8.75 -6.42
N GLY A 3 -21.46 -7.60 -5.81
CA GLY A 3 -20.21 -6.90 -6.03
C GLY A 3 -19.01 -7.73 -5.62
N LYS A 4 -17.86 -7.40 -6.22
CA LYS A 4 -16.64 -8.14 -5.99
C LYS A 4 -15.42 -7.23 -6.12
N VAL A 5 -14.40 -7.52 -5.31
CA VAL A 5 -13.11 -6.83 -5.43
C VAL A 5 -12.03 -7.90 -5.43
N LYS A 6 -10.92 -7.59 -6.06
CA LYS A 6 -9.76 -8.49 -6.14
C LYS A 6 -8.64 -7.90 -5.29
N VAL A 7 -8.13 -8.64 -4.34
CA VAL A 7 -7.06 -8.11 -3.49
C VAL A 7 -5.74 -8.13 -4.22
N GLU A 8 -5.06 -6.97 -4.24
CA GLU A 8 -3.73 -6.82 -4.84
C GLU A 8 -2.66 -6.92 -3.75
N ASN A 9 -2.89 -6.43 -2.53
CA ASN A 9 -1.87 -6.45 -1.48
C ASN A 9 -2.54 -6.05 -0.17
N ILE A 10 -1.91 -6.44 0.94
CA ILE A 10 -2.24 -5.96 2.28
C ILE A 10 -1.10 -5.05 2.74
N LEU A 11 -1.41 -3.82 3.12
CA LEU A 11 -0.40 -2.90 3.64
C LEU A 11 -0.63 -2.73 5.14
N ILE A 12 0.45 -2.54 5.84
CA ILE A 12 0.47 -2.13 7.23
C ILE A 12 1.12 -0.77 7.26
N VAL A 13 0.35 0.23 7.63
CA VAL A 13 0.78 1.60 7.66
C VAL A 13 0.70 2.07 9.11
N GLY A 14 1.72 1.76 9.92
CA GLY A 14 1.67 2.14 11.31
C GLY A 14 0.51 1.47 12.01
N PHE A 15 -0.55 2.21 12.30
CA PHE A 15 -1.67 1.71 13.09
C PHE A 15 -2.84 1.22 12.25
N LYS A 16 -2.66 1.24 10.93
CA LYS A 16 -3.73 0.88 10.00
C LYS A 16 -3.40 -0.40 9.25
N THR A 17 -4.37 -1.26 8.98
CA THR A 17 -4.26 -2.32 8.00
C THR A 17 -5.13 -1.92 6.81
N VAL A 18 -4.54 -1.88 5.62
CA VAL A 18 -5.19 -1.42 4.42
C VAL A 18 -5.20 -2.54 3.40
N ILE A 19 -6.39 -2.83 2.84
CA ILE A 19 -6.49 -3.77 1.73
C ILE A 19 -6.47 -2.96 0.44
N ILE A 20 -5.48 -3.22 -0.38
CA ILE A 20 -5.44 -2.61 -1.72
C ILE A 20 -6.11 -3.57 -2.68
N CYS A 21 -7.14 -3.09 -3.40
CA CYS A 21 -7.88 -3.99 -4.28
C CYS A 21 -8.37 -3.27 -5.53
N GLU A 22 -8.74 -4.09 -6.51
CA GLU A 22 -9.38 -3.63 -7.74
C GLU A 22 -10.87 -3.98 -7.68
N VAL A 23 -11.72 -3.00 -7.96
CA VAL A 23 -13.16 -3.25 -8.05
C VAL A 23 -13.45 -4.01 -9.33
N LEU A 24 -13.98 -5.23 -9.24
CA LEU A 24 -14.27 -6.02 -10.44
C LEU A 24 -15.72 -5.86 -10.84
N GLU A 25 -16.64 -5.83 -9.89
CA GLU A 25 -18.05 -5.83 -10.25
C GLU A 25 -18.78 -4.96 -9.26
N GLY A 26 -19.74 -4.21 -9.76
CA GLY A 26 -20.65 -3.51 -8.91
C GLY A 26 -20.07 -2.27 -8.31
N MET A 27 -20.85 -1.65 -7.46
CA MET A 27 -20.38 -0.49 -6.73
C MET A 27 -19.88 -0.91 -5.36
N VAL A 28 -18.87 -0.20 -4.87
CA VAL A 28 -18.34 -0.45 -3.55
C VAL A 28 -18.34 0.85 -2.78
N LYS A 29 -18.99 0.85 -1.61
CA LYS A 29 -19.26 2.09 -0.89
C LYS A 29 -18.86 1.93 0.57
N VAL A 30 -18.35 3.00 1.16
CA VAL A 30 -18.17 3.01 2.60
C VAL A 30 -19.47 2.58 3.24
N GLY A 31 -19.40 1.65 4.19
CA GLY A 31 -20.57 1.13 4.86
C GLY A 31 -21.01 -0.23 4.38
N TYR A 32 -20.66 -0.61 3.16
CA TYR A 32 -20.94 -1.94 2.67
C TYR A 32 -20.07 -2.95 3.41
N LYS A 33 -20.42 -4.21 3.27
CA LYS A 33 -19.65 -5.29 3.88
C LYS A 33 -18.80 -6.00 2.85
N VAL A 34 -17.65 -6.51 3.31
CA VAL A 34 -16.85 -7.41 2.50
C VAL A 34 -16.77 -8.74 3.21
N ARG A 35 -16.83 -9.83 2.45
N ARG A 35 -16.82 -9.83 2.45
CA ARG A 35 -16.84 -11.18 3.01
CA ARG A 35 -16.84 -11.17 3.00
C ARG A 35 -15.69 -12.00 2.47
C ARG A 35 -15.69 -12.00 2.47
N LYS A 36 -15.05 -12.75 3.36
CA LYS A 36 -14.13 -13.80 2.99
C LYS A 36 -14.52 -15.00 3.85
N GLY A 37 -15.00 -16.04 3.20
CA GLY A 37 -15.38 -17.22 3.94
C GLY A 37 -16.50 -16.87 4.89
N LYS A 38 -16.31 -17.23 6.16
CA LYS A 38 -17.29 -16.95 7.20
C LYS A 38 -17.02 -15.64 7.92
N LYS A 39 -16.12 -14.80 7.42
CA LYS A 39 -15.81 -13.55 8.07
C LYS A 39 -16.34 -12.39 7.22
N VAL A 40 -17.08 -11.49 7.88
CA VAL A 40 -17.70 -10.34 7.22
C VAL A 40 -17.37 -9.10 8.03
N ALA A 41 -16.93 -8.04 7.35
CA ALA A 41 -16.66 -6.79 8.03
C ALA A 41 -17.14 -5.63 7.15
N GLY A 42 -17.45 -4.53 7.81
CA GLY A 42 -17.89 -3.34 7.11
C GLY A 42 -16.69 -2.50 6.72
N ILE A 43 -16.85 -1.79 5.62
CA ILE A 43 -15.85 -0.83 5.15
C ILE A 43 -16.01 0.45 5.95
N VAL A 44 -14.97 0.81 6.69
CA VAL A 44 -14.97 2.07 7.44
C VAL A 44 -14.47 3.24 6.62
N SER A 45 -13.55 3.00 5.69
CA SER A 45 -12.97 4.11 4.95
C SER A 45 -12.41 3.55 3.67
N MET A 46 -12.30 4.42 2.68
CA MET A 46 -11.83 4.07 1.35
C MET A 46 -10.95 5.19 0.80
N GLU A 47 -9.91 4.82 0.06
CA GLU A 47 -9.07 5.78 -0.65
C GLU A 47 -8.93 5.36 -2.10
N ARG A 48 -8.81 6.35 -2.98
CA ARG A 48 -8.44 6.11 -4.36
C ARG A 48 -7.39 7.15 -4.72
N GLU A 49 -6.27 6.71 -5.26
CA GLU A 49 -5.14 7.60 -5.53
C GLU A 49 -4.72 8.34 -4.26
N HIS A 50 -4.82 7.65 -3.12
CA HIS A 50 -4.41 8.18 -1.82
C HIS A 50 -5.24 9.38 -1.39
N LYS A 51 -6.46 9.55 -1.96
CA LYS A 51 -7.39 10.66 -1.60
C LYS A 51 -8.67 10.01 -1.09
N LYS A 52 -9.14 10.35 0.12
CA LYS A 52 -10.36 9.76 0.73
C LYS A 52 -11.53 9.85 -0.26
N VAL A 53 -12.25 8.75 -0.52
CA VAL A 53 -13.40 8.67 -1.45
C VAL A 53 -14.53 7.95 -0.73
N GLU A 54 -15.76 8.11 -1.21
CA GLU A 54 -16.94 7.49 -0.66
C GLU A 54 -17.31 6.19 -1.35
N PHE A 55 -17.07 6.08 -2.65
CA PHE A 55 -17.46 4.90 -3.39
C PHE A 55 -16.49 4.69 -4.55
N ALA A 56 -16.55 3.50 -5.11
CA ALA A 56 -15.71 3.13 -6.25
C ALA A 56 -16.47 2.18 -7.14
N ILE A 57 -16.01 2.13 -8.39
CA ILE A 57 -16.75 1.49 -9.46
C ILE A 57 -15.79 0.59 -10.21
N PRO A 58 -16.29 -0.30 -11.06
CA PRO A 58 -15.42 -1.27 -11.71
C PRO A 58 -14.29 -0.58 -12.45
N GLY A 59 -13.08 -1.09 -12.26
CA GLY A 59 -11.91 -0.50 -12.82
C GLY A 59 -11.07 0.29 -11.83
N ASP A 60 -11.70 0.76 -10.74
CA ASP A 60 -11.00 1.53 -9.74
C ASP A 60 -10.07 0.65 -8.92
N LYS A 61 -8.88 1.18 -8.62
CA LYS A 61 -7.95 0.61 -7.65
C LYS A 61 -8.07 1.44 -6.39
N ILE A 62 -8.42 0.79 -5.28
CA ILE A 62 -8.74 1.49 -4.06
C ILE A 62 -8.01 0.85 -2.91
N GLY A 63 -7.96 1.59 -1.80
CA GLY A 63 -7.56 1.05 -0.53
C GLY A 63 -8.78 1.13 0.42
N ILE A 64 -9.01 0.04 1.11
CA ILE A 64 -10.14 -0.02 2.05
C ILE A 64 -9.62 -0.43 3.41
N MET A 65 -10.24 0.15 4.43
CA MET A 65 -10.01 -0.24 5.81
C MET A 65 -11.32 -0.78 6.36
N LEU A 66 -11.23 -1.90 7.06
CA LEU A 66 -12.40 -2.64 7.54
C LEU A 66 -12.55 -2.46 9.04
N GLU A 67 -13.77 -2.74 9.52
CA GLU A 67 -14.06 -2.71 10.94
C GLU A 67 -13.22 -3.73 11.71
N LYS A 68 -12.93 -4.86 11.07
CA LYS A 68 -12.13 -5.93 11.65
C LYS A 68 -11.45 -6.63 10.48
N ASN A 69 -10.38 -7.36 10.80
CA ASN A 69 -9.68 -8.08 9.74
C ASN A 69 -10.44 -9.38 9.44
N ILE A 70 -10.41 -9.78 8.14
CA ILE A 70 -11.14 -10.93 7.65
C ILE A 70 -10.24 -11.95 6.98
N GLY A 71 -8.91 -11.76 7.04
CA GLY A 71 -7.98 -12.70 6.46
C GLY A 71 -7.72 -12.48 5.00
N ALA A 72 -7.99 -11.28 4.50
CA ALA A 72 -7.79 -10.96 3.08
C ALA A 72 -6.32 -11.18 2.71
N GLU A 73 -6.06 -11.75 1.54
CA GLU A 73 -4.70 -12.03 1.03
C GLU A 73 -4.66 -11.71 -0.45
N LYS A 74 -3.47 -11.42 -0.96
CA LYS A 74 -3.26 -11.11 -2.39
C LYS A 74 -3.86 -12.22 -3.24
N GLY A 75 -4.73 -11.90 -4.20
CA GLY A 75 -5.36 -12.87 -5.10
C GLY A 75 -6.78 -13.17 -4.69
N ASP A 76 -7.18 -12.87 -3.46
CA ASP A 76 -8.54 -13.15 -3.02
C ASP A 76 -9.55 -12.33 -3.80
N ILE A 77 -10.66 -12.97 -4.18
CA ILE A 77 -11.82 -12.28 -4.74
C ILE A 77 -12.83 -12.19 -3.62
N LEU A 78 -13.07 -11.00 -3.10
CA LEU A 78 -13.94 -10.83 -1.95
C LEU A 78 -15.30 -10.34 -2.44
N GLU A 79 -16.36 -10.92 -1.89
CA GLU A 79 -17.68 -10.45 -2.23
C GLU A 79 -18.01 -9.20 -1.43
N VAL A 80 -18.81 -8.33 -2.02
CA VAL A 80 -19.23 -7.08 -1.41
C VAL A 80 -20.74 -7.12 -1.26
N PHE A 81 -21.22 -6.85 -0.04
CA PHE A 81 -22.64 -6.85 0.28
C PHE A 81 -23.14 -5.42 0.40
N ILE A 82 -24.21 -5.10 -0.30
CA ILE A 82 -24.86 -3.79 -0.14
C ILE A 82 -25.52 -3.74 1.24
N VAL A 83 -25.39 -2.62 1.92
CA VAL A 83 -26.05 -2.39 3.20
C VAL A 83 -26.99 -1.23 2.97
N LEU A 84 -28.28 -1.44 3.26
CA LEU A 84 -29.23 -0.38 3.04
C LEU A 84 -29.03 0.74 4.04
N GLU A 85 -29.26 1.99 3.59
CA GLU A 85 -29.12 3.20 4.44
C GLU A 85 -30.50 3.88 4.44
N HIS A 86 -31.39 3.52 5.37
CA HIS A 86 -32.72 4.12 5.47
C HIS A 86 -32.59 5.50 6.10
N HIS A 87 -32.36 6.50 5.26
CA HIS A 87 -32.10 7.90 5.71
C HIS A 87 -33.42 8.64 5.95
N HIS A 88 -34.54 8.14 5.45
CA HIS A 88 -35.89 8.76 5.63
C HIS A 88 -35.92 10.14 4.97
N HIS A 89 -35.30 10.27 3.79
CA HIS A 89 -35.37 11.46 2.90
C HIS A 89 -36.82 11.72 2.49
N VAL B 2 5.63 3.97 11.88
CA VAL B 2 5.80 3.65 10.47
C VAL B 2 7.30 3.76 10.12
N GLY B 3 7.79 2.84 9.30
CA GLY B 3 9.17 2.91 8.87
C GLY B 3 9.49 4.20 8.15
N LYS B 4 10.78 4.56 8.16
CA LYS B 4 11.24 5.79 7.54
C LYS B 4 12.64 5.61 6.98
N VAL B 5 12.91 6.30 5.87
CA VAL B 5 14.28 6.43 5.37
C VAL B 5 14.53 7.90 5.09
N LYS B 6 15.79 8.29 5.12
CA LYS B 6 16.25 9.66 4.85
C LYS B 6 17.02 9.66 3.52
N VAL B 7 16.60 10.44 2.54
CA VAL B 7 17.26 10.45 1.24
C VAL B 7 18.55 11.23 1.34
N GLU B 8 19.62 10.62 0.85
CA GLU B 8 20.90 11.30 0.81
C GLU B 8 21.21 11.87 -0.57
N ASN B 9 20.77 11.19 -1.62
CA ASN B 9 20.95 11.70 -2.98
C ASN B 9 20.10 10.88 -3.93
N ILE B 10 19.82 11.46 -5.10
CA ILE B 10 19.25 10.74 -6.22
C ILE B 10 20.33 10.61 -7.28
N LEU B 11 20.61 9.38 -7.72
CA LEU B 11 21.61 9.08 -8.72
C LEU B 11 20.92 8.62 -9.99
N ILE B 12 21.50 9.04 -11.13
CA ILE B 12 21.10 8.52 -12.45
C ILE B 12 22.31 7.68 -12.87
N VAL B 13 22.17 6.38 -12.96
CA VAL B 13 23.24 5.51 -13.36
C VAL B 13 22.82 4.85 -14.68
N GLY B 14 23.05 5.55 -15.78
CA GLY B 14 22.66 5.01 -17.07
C GLY B 14 21.16 4.82 -17.11
N PHE B 15 20.71 3.58 -17.03
CA PHE B 15 19.29 3.28 -17.24
C PHE B 15 18.51 3.21 -15.95
N LYS B 16 19.15 3.47 -14.81
CA LYS B 16 18.42 3.37 -13.55
C LYS B 16 18.51 4.68 -12.79
N THR B 17 17.43 4.97 -12.09
CA THR B 17 17.37 6.02 -11.09
C THR B 17 17.47 5.35 -9.73
N VAL B 18 18.47 5.75 -8.94
CA VAL B 18 18.73 5.11 -7.64
C VAL B 18 18.56 6.14 -6.55
N ILE B 19 17.78 5.80 -5.55
CA ILE B 19 17.65 6.64 -4.34
C ILE B 19 18.64 6.10 -3.31
N ILE B 20 19.62 6.92 -2.95
CA ILE B 20 20.54 6.60 -1.86
C ILE B 20 19.93 7.13 -0.57
N CYS B 21 19.76 6.24 0.42
CA CYS B 21 19.09 6.66 1.65
C CYS B 21 19.64 5.92 2.86
N GLU B 22 19.40 6.53 4.00
CA GLU B 22 19.71 5.95 5.31
C GLU B 22 18.41 5.44 5.91
N VAL B 23 18.42 4.20 6.35
CA VAL B 23 17.26 3.65 7.07
C VAL B 23 17.21 4.27 8.46
N LEU B 24 16.13 5.00 8.79
CA LEU B 24 16.01 5.64 10.11
C LEU B 24 15.19 4.79 11.07
N GLU B 25 14.18 4.09 10.56
CA GLU B 25 13.23 3.49 11.49
C GLU B 25 12.63 2.29 10.78
N GLY B 26 12.49 1.20 11.52
CA GLY B 26 11.90 0.00 11.03
C GLY B 26 12.79 -0.71 10.03
N MET B 27 12.22 -1.75 9.45
CA MET B 27 12.90 -2.51 8.42
C MET B 27 12.42 -2.09 7.05
N VAL B 28 13.29 -2.27 6.07
CA VAL B 28 12.99 -1.96 4.68
C VAL B 28 13.24 -3.22 3.87
N LYS B 29 12.24 -3.64 3.09
CA LYS B 29 12.36 -4.86 2.32
C LYS B 29 11.97 -4.57 0.88
N VAL B 30 12.54 -5.35 -0.02
CA VAL B 30 12.06 -5.33 -1.38
C VAL B 30 10.57 -5.66 -1.38
N GLY B 31 9.81 -4.86 -2.10
CA GLY B 31 8.36 -5.05 -2.20
C GLY B 31 7.57 -4.16 -1.26
N TYR B 32 8.24 -3.58 -0.26
CA TYR B 32 7.57 -2.58 0.55
C TYR B 32 7.33 -1.32 -0.26
N LYS B 33 6.44 -0.47 0.22
CA LYS B 33 6.17 0.78 -0.50
C LYS B 33 6.92 1.93 0.19
N VAL B 34 7.28 2.92 -0.60
CA VAL B 34 7.81 4.18 -0.12
C VAL B 34 6.86 5.28 -0.53
N ARG B 35 6.67 6.25 0.36
CA ARG B 35 5.69 7.30 0.13
C ARG B 35 6.31 8.67 0.34
N LYS B 36 5.98 9.57 -0.59
CA LYS B 36 6.24 10.99 -0.42
C LYS B 36 4.97 11.73 -0.81
N GLY B 37 4.38 12.41 0.17
CA GLY B 37 3.11 13.07 -0.08
C GLY B 37 2.10 12.05 -0.56
N LYS B 38 1.47 12.32 -1.68
CA LYS B 38 0.43 11.45 -2.21
C LYS B 38 0.96 10.51 -3.29
N LYS B 39 2.27 10.32 -3.38
CA LYS B 39 2.84 9.43 -4.36
C LYS B 39 3.45 8.26 -3.62
N VAL B 40 3.14 7.05 -4.05
CA VAL B 40 3.61 5.83 -3.41
C VAL B 40 4.13 4.90 -4.49
N ALA B 41 5.28 4.27 -4.24
CA ALA B 41 5.79 3.29 -5.16
C ALA B 41 6.43 2.14 -4.41
N GLY B 42 6.38 0.96 -5.02
CA GLY B 42 7.03 -0.18 -4.46
C GLY B 42 8.53 -0.18 -4.73
N ILE B 43 9.26 -0.78 -3.81
CA ILE B 43 10.70 -1.00 -3.96
C ILE B 43 10.92 -2.22 -4.83
N VAL B 44 11.57 -2.02 -5.98
CA VAL B 44 11.83 -3.14 -6.87
C VAL B 44 13.15 -3.83 -6.59
N SER B 45 14.15 -3.07 -6.13
CA SER B 45 15.45 -3.66 -5.83
C SER B 45 16.16 -2.80 -4.81
N MET B 46 17.11 -3.41 -4.11
CA MET B 46 17.85 -2.76 -3.03
C MET B 46 19.29 -3.23 -3.04
N GLU B 47 20.20 -2.32 -2.76
CA GLU B 47 21.62 -2.62 -2.67
C GLU B 47 22.16 -2.02 -1.39
N ARG B 48 23.13 -2.72 -0.82
CA ARG B 48 23.89 -2.20 0.30
C ARG B 48 25.35 -2.52 0.01
N GLU B 49 26.20 -1.50 0.09
CA GLU B 49 27.59 -1.62 -0.34
C GLU B 49 27.68 -2.17 -1.76
N HIS B 50 26.75 -1.72 -2.62
CA HIS B 50 26.72 -2.12 -4.03
C HIS B 50 26.59 -3.64 -4.18
N LYS B 51 25.91 -4.27 -3.21
CA LYS B 51 25.56 -5.69 -3.28
C LYS B 51 24.05 -5.83 -3.12
N LYS B 52 23.46 -6.74 -3.89
CA LYS B 52 22.02 -6.95 -3.80
C LYS B 52 21.68 -7.49 -2.42
N VAL B 53 20.68 -6.90 -1.80
CA VAL B 53 20.17 -7.33 -0.50
C VAL B 53 18.66 -7.32 -0.57
N GLU B 54 18.05 -8.09 0.34
CA GLU B 54 16.59 -8.18 0.42
C GLU B 54 16.00 -7.38 1.56
N PHE B 55 16.79 -6.99 2.56
CA PHE B 55 16.26 -6.14 3.61
C PHE B 55 17.38 -5.28 4.18
N ALA B 56 16.96 -4.26 4.92
CA ALA B 56 17.83 -3.29 5.53
C ALA B 56 17.20 -2.82 6.82
N ILE B 57 18.07 -2.41 7.76
CA ILE B 57 17.69 -2.12 9.12
C ILE B 57 18.23 -0.75 9.50
N PRO B 58 17.78 -0.16 10.59
CA PRO B 58 18.22 1.16 10.96
C PRO B 58 19.74 1.25 11.07
N GLY B 59 20.26 2.32 10.53
CA GLY B 59 21.68 2.51 10.41
C GLY B 59 22.27 2.17 9.05
N ASP B 60 21.58 1.35 8.26
CA ASP B 60 22.10 0.98 6.95
C ASP B 60 21.98 2.14 5.98
N LYS B 61 22.98 2.28 5.12
CA LYS B 61 22.92 3.15 3.95
C LYS B 61 22.69 2.26 2.73
N ILE B 62 21.64 2.52 1.99
CA ILE B 62 21.21 1.64 0.92
C ILE B 62 20.94 2.43 -0.34
N GLY B 63 20.86 1.72 -1.45
CA GLY B 63 20.34 2.27 -2.69
C GLY B 63 19.07 1.53 -3.03
N ILE B 64 17.91 2.21 -3.26
CA ILE B 64 16.63 1.58 -3.58
C ILE B 64 16.16 2.21 -4.93
N MET B 65 15.68 1.37 -5.83
CA MET B 65 15.02 1.50 -7.14
C MET B 65 13.54 1.21 -6.94
N LEU B 66 12.77 2.13 -7.45
CA LEU B 66 11.32 2.10 -7.30
C LEU B 66 10.64 1.72 -8.60
N GLU B 67 9.40 1.23 -8.47
CA GLU B 67 8.60 0.89 -9.63
C GLU B 67 8.26 2.12 -10.46
N LYS B 68 8.19 3.27 -9.82
CA LYS B 68 7.97 4.54 -10.50
C LYS B 68 8.59 5.63 -9.63
N ASN B 69 8.90 6.75 -10.27
CA ASN B 69 9.49 7.86 -9.52
C ASN B 69 8.40 8.62 -8.76
N ILE B 70 8.77 9.15 -7.58
CA ILE B 70 7.82 9.75 -6.67
C ILE B 70 8.30 11.13 -6.21
N GLY B 71 9.32 11.66 -6.88
CA GLY B 71 9.80 13.00 -6.62
C GLY B 71 10.69 13.12 -5.40
N ALA B 72 11.30 12.03 -5.00
CA ALA B 72 12.21 12.07 -3.87
C ALA B 72 13.38 13.01 -4.16
N GLU B 73 13.80 13.70 -3.11
CA GLU B 73 14.95 14.62 -3.19
C GLU B 73 15.82 14.48 -1.95
N LYS B 74 17.08 14.89 -2.07
CA LYS B 74 17.97 14.93 -0.92
C LYS B 74 17.31 15.64 0.24
N GLY B 75 17.38 15.01 1.42
CA GLY B 75 16.81 15.53 2.64
C GLY B 75 15.43 15.02 2.96
N ASP B 76 14.70 14.48 1.98
CA ASP B 76 13.38 13.94 2.25
C ASP B 76 13.42 12.78 3.23
N ILE B 77 12.46 12.76 4.17
CA ILE B 77 12.19 11.60 4.99
C ILE B 77 10.96 10.92 4.38
N LEU B 78 11.15 9.72 3.86
CA LEU B 78 10.09 9.00 3.17
C LEU B 78 9.55 7.92 4.10
N GLU B 79 8.21 7.80 4.18
CA GLU B 79 7.50 6.79 5.00
C GLU B 79 7.61 5.48 4.22
N VAL B 80 7.75 4.36 4.93
CA VAL B 80 7.89 3.04 4.36
C VAL B 80 6.68 2.24 4.83
N PHE B 81 6.05 1.52 3.91
CA PHE B 81 4.85 0.74 4.24
C PHE B 81 5.17 -0.73 4.12
N ILE B 82 4.89 -1.50 5.17
CA ILE B 82 4.97 -2.93 5.06
C ILE B 82 3.89 -3.47 4.10
N VAL B 83 4.25 -4.40 3.21
CA VAL B 83 3.35 -5.14 2.30
C VAL B 83 3.48 -6.58 2.77
N LEU B 84 2.43 -7.17 3.32
CA LEU B 84 2.50 -8.50 3.97
C LEU B 84 3.08 -9.51 3.01
N GLU B 85 2.77 -9.34 1.75
CA GLU B 85 3.25 -10.29 0.70
C GLU B 85 4.76 -10.48 0.84
N HIS B 86 5.54 -9.42 1.06
CA HIS B 86 7.03 -9.47 1.09
C HIS B 86 7.63 -9.26 2.48
N HIS B 87 6.88 -9.39 3.59
CA HIS B 87 7.45 -9.27 4.93
C HIS B 87 8.39 -10.43 5.24
NI NI C . -22.17 10.14 -2.27
C1 GOL D . -5.09 3.41 -3.20
O1 GOL D . -5.20 4.78 -2.78
C2 GOL D . -4.63 3.32 -4.64
O2 GOL D . -5.68 3.84 -5.46
C3 GOL D . -4.28 1.92 -5.08
O3 GOL D . -3.51 1.92 -6.27
H11 GOL D . -4.45 2.94 -2.62
HO1 GOL D . -4.43 5.13 -2.85
H2 GOL D . -3.81 3.86 -4.74
HO2 GOL D . -6.23 4.24 -4.95
H31 GOL D . -5.12 1.41 -5.23
H32 GOL D . -3.77 1.48 -4.36
HO3 GOL D . -3.95 2.30 -6.88
C1 GOL E . -3.14 -11.92 6.59
O1 GOL E . -3.81 -11.08 5.66
C2 GOL E . -3.50 -11.53 7.99
O2 GOL E . -4.62 -12.28 8.43
C3 GOL E . -2.37 -11.67 8.97
O3 GOL E . -2.82 -11.46 10.29
H11 GOL E . -2.16 -11.84 6.46
H12 GOL E . -3.40 -12.86 6.44
HO1 GOL E . -3.46 -10.31 5.70
H2 GOL E . -3.76 -10.57 7.98
HO2 GOL E . -5.27 -11.74 8.56
H31 GOL E . -1.66 -11.02 8.75
H32 GOL E . -1.99 -12.58 8.89
HO3 GOL E . -3.40 -12.05 10.48
N1 IMD F . -22.93 11.16 -0.38
C2 IMD F . -23.08 12.47 -0.90
N3 IMD F . -24.00 13.14 -0.03
C4 IMD F . -24.40 12.24 1.01
C5 IMD F . -23.74 11.01 0.79
HN1 IMD F . -22.12 10.90 -0.31
H2 IMD F . -22.68 12.83 -1.65
HN3 IMD F . -23.70 13.90 0.24
H4 IMD F . -25.00 12.48 1.68
H5 IMD F . -23.78 10.22 1.28
N1 IMD G . -23.82 8.92 -2.56
C2 IMD G . -23.42 8.02 -3.55
N3 IMD G . -24.56 7.21 -3.81
C4 IMD G . -25.64 7.62 -2.97
C5 IMD G . -25.19 8.68 -2.20
HN1 IMD G . -23.27 8.98 -1.90
H2 IMD G . -22.59 7.96 -3.96
HN3 IMD G . -24.74 7.15 -4.65
H4 IMD G . -26.48 7.21 -3.00
H5 IMD G . -25.64 9.18 -1.55
S SCN H . -2.76 3.95 3.41
C SCN H . -2.23 5.09 2.15
N SCN H . -1.93 5.83 1.28
S SCN I . -0.64 2.45 -1.76
C SCN I . -0.31 1.24 -3.03
N SCN I . -0.12 0.34 -3.77
C1 GOL J . 9.21 -3.27 9.45
O1 GOL J . 9.34 -2.41 10.58
C2 GOL J . 9.17 -4.75 9.81
O2 GOL J . 9.12 -5.48 8.59
C3 GOL J . 8.04 -5.12 10.73
O3 GOL J . 8.07 -6.50 11.12
H11 GOL J . 8.38 -3.04 8.98
HO1 GOL J . 8.65 -2.50 11.05
H2 GOL J . 10.00 -4.98 10.30
HO2 GOL J . 9.14 -6.31 8.79
H31 GOL J . 7.18 -4.93 10.28
H32 GOL J . 8.08 -4.56 11.54
HO3 GOL J . 8.83 -6.65 11.48
C1 GOL K . 24.24 1.76 -1.40
O1 GOL K . 24.55 0.71 -2.29
C2 GOL K . 25.45 2.20 -0.63
O2 GOL K . 25.35 1.70 0.70
C3 GOL K . 25.68 3.70 -0.60
O3 GOL K . 24.94 4.31 0.46
H11 GOL K . 23.86 2.52 -1.91
HO1 GOL K . 24.01 0.08 -2.15
H2 GOL K . 26.25 1.79 -1.05
HO2 GOL K . 25.68 2.27 1.23
H31 GOL K . 25.42 4.10 -1.46
H32 GOL K . 26.65 3.87 -0.46
HO3 GOL K . 24.14 4.07 0.41
S SCN L . 18.81 -1.27 -6.23
C SCN L . 20.22 -0.19 -6.05
N SCN L . 21.14 0.55 -5.99
#